data_4NUT
#
_entry.id   4NUT
#
_cell.length_a   59.732
_cell.length_b   59.732
_cell.length_c   92.549
_cell.angle_alpha   90.00
_cell.angle_beta   90.00
_cell.angle_gamma   90.00
#
_symmetry.space_group_name_H-M   'P 43 21 2'
#
loop_
_entity.id
_entity.type
_entity.pdbx_description
1 polymer '13 kDa ribonucleoprotein-associated protein'
2 polymer 'Ribosome assembly 1 protein'
3 non-polymer 'SULFATE ION'
4 water water
#
loop_
_entity_poly.entity_id
_entity_poly.type
_entity_poly.pdbx_seq_one_letter_code
_entity_poly.pdbx_strand_id
1 'polypeptide(L)'
;GPHMSAPNPKAFPLADAALTQQILDVVQQAANLRQLKKGANEATKTLNRGISEFIIMAADCEPIEILLHLPLLCEDKNVP
YVFVPSRVALGRACGVSRPVIAASITTNDASAIKTQIYAVKDKIETLLI
;
A
2 'polypeptide(L)' GPHMTDEDVKKWREERKKMWLLKISNNKQKHMQEMGIKEDELKSQPSIFKESRKEKQ B
#
loop_
_chem_comp.id
_chem_comp.type
_chem_comp.name
_chem_comp.formula
SO4 non-polymer 'SULFATE ION' 'O4 S -2'
#
# COMPACT_ATOMS: atom_id res chain seq x y z
N PRO A 7 -8.94 -6.17 12.57
CA PRO A 7 -8.06 -5.18 11.93
C PRO A 7 -7.92 -3.86 12.77
N ASN A 8 -6.73 -3.35 12.88
CA ASN A 8 -6.51 -2.12 13.63
C ASN A 8 -7.16 -0.95 12.87
N PRO A 9 -7.89 -0.08 13.58
CA PRO A 9 -8.60 1.00 12.80
C PRO A 9 -7.69 2.06 12.19
N LYS A 10 -6.43 2.05 12.58
CA LYS A 10 -5.41 2.98 12.02
C LYS A 10 -4.88 2.39 10.72
N ALA A 11 -5.23 1.13 10.42
CA ALA A 11 -4.75 0.50 9.18
C ALA A 11 -5.75 0.83 8.10
N PHE A 12 -5.60 2.03 7.55
CA PHE A 12 -6.54 2.63 6.67
C PHE A 12 -5.81 3.26 5.50
N PRO A 13 -6.30 3.11 4.27
CA PRO A 13 -7.42 2.27 3.86
C PRO A 13 -7.13 0.80 3.93
N LEU A 14 -8.17 0.03 4.21
CA LEU A 14 -8.05 -1.43 4.36
C LEU A 14 -8.74 -2.23 3.28
N ALA A 15 -8.04 -3.12 2.58
CA ALA A 15 -8.67 -3.94 1.55
C ALA A 15 -9.52 -5.12 2.12
N ASP A 16 -10.68 -5.36 1.52
CA ASP A 16 -11.49 -6.64 1.70
C ASP A 16 -10.76 -7.92 1.24
N ALA A 17 -11.38 -9.09 1.45
CA ALA A 17 -10.68 -10.34 1.10
C ALA A 17 -10.51 -10.48 -0.36
N ALA A 18 -11.39 -9.83 -1.18
CA ALA A 18 -11.28 -10.00 -2.62
C ALA A 18 -10.22 -9.11 -3.17
N LEU A 19 -10.28 -7.84 -2.78
CA LEU A 19 -9.20 -6.90 -3.23
C LEU A 19 -7.87 -7.28 -2.66
N THR A 20 -7.85 -7.78 -1.42
CA THR A 20 -6.71 -8.37 -0.89
C THR A 20 -6.14 -9.46 -1.80
N GLN A 21 -6.96 -10.40 -2.31
CA GLN A 21 -6.35 -11.48 -3.15
C GLN A 21 -5.73 -10.93 -4.42
N GLN A 22 -6.38 -9.93 -4.95
CA GLN A 22 -5.89 -9.21 -6.16
C GLN A 22 -4.54 -8.55 -5.91
N ILE A 23 -4.50 -7.78 -4.84
CA ILE A 23 -3.26 -7.16 -4.42
C ILE A 23 -2.18 -8.18 -4.17
N LEU A 24 -2.46 -9.23 -3.39
CA LEU A 24 -1.44 -10.21 -3.10
C LEU A 24 -1.00 -10.91 -4.40
N ASP A 25 -1.94 -11.07 -5.36
CA ASP A 25 -1.55 -11.69 -6.67
C ASP A 25 -0.53 -10.76 -7.44
N VAL A 26 -0.80 -9.48 -7.34
CA VAL A 26 0.08 -8.49 -7.98
C VAL A 26 1.41 -8.48 -7.28
N VAL A 27 1.38 -8.54 -5.92
CA VAL A 27 2.60 -8.70 -5.20
C VAL A 27 3.47 -9.92 -5.61
N GLN A 28 2.81 -11.05 -5.78
CA GLN A 28 3.48 -12.30 -6.15
C GLN A 28 4.04 -12.20 -7.58
N GLN A 29 3.27 -11.59 -8.47
CA GLN A 29 3.86 -11.22 -9.82
C GLN A 29 5.13 -10.37 -9.71
N ALA A 30 5.02 -9.33 -8.86
CA ALA A 30 6.16 -8.48 -8.65
C ALA A 30 7.39 -9.21 -8.06
N ALA A 31 7.16 -10.14 -7.11
CA ALA A 31 8.24 -10.95 -6.54
C ALA A 31 8.97 -11.71 -7.66
N ASN A 32 8.15 -12.33 -8.50
CA ASN A 32 8.66 -13.13 -9.62
C ASN A 32 9.46 -12.26 -10.59
N LEU A 33 9.04 -11.02 -10.81
CA LEU A 33 9.73 -10.12 -11.69
C LEU A 33 10.91 -9.37 -11.08
N ARG A 34 11.15 -9.63 -9.79
CA ARG A 34 12.12 -8.92 -8.99
C ARG A 34 11.89 -7.44 -8.95
N GLN A 35 10.59 -7.06 -8.89
CA GLN A 35 10.11 -5.67 -8.75
C GLN A 35 9.51 -5.47 -7.35
N LEU A 36 10.13 -6.05 -6.35
CA LEU A 36 9.56 -6.05 -4.97
C LEU A 36 10.60 -5.96 -3.88
N LYS A 37 10.39 -4.99 -2.95
CA LYS A 37 11.19 -4.85 -1.77
C LYS A 37 10.35 -5.16 -0.56
N LYS A 38 10.90 -5.93 0.40
CA LYS A 38 10.14 -6.34 1.59
C LYS A 38 10.70 -5.64 2.83
N GLY A 39 9.81 -5.22 3.70
CA GLY A 39 10.14 -4.61 4.96
C GLY A 39 9.73 -3.12 4.98
N ALA A 40 9.39 -2.62 6.19
CA ALA A 40 8.99 -1.25 6.31
C ALA A 40 10.15 -0.32 5.91
N ASN A 41 11.31 -0.52 6.41
CA ASN A 41 12.42 0.36 6.08
C ASN A 41 12.90 0.21 4.63
N GLU A 42 12.83 -1.03 4.10
CA GLU A 42 13.14 -1.23 2.71
C GLU A 42 12.13 -0.43 1.86
N ALA A 43 10.85 -0.45 2.24
CA ALA A 43 9.81 0.30 1.53
C ALA A 43 10.05 1.82 1.57
N THR A 44 10.45 2.35 2.75
CA THR A 44 10.76 3.73 2.94
C THR A 44 11.87 4.13 1.93
N LYS A 45 12.93 3.33 1.88
CA LYS A 45 13.99 3.63 1.02
C LYS A 45 13.56 3.74 -0.49
N THR A 46 12.70 2.81 -0.94
CA THR A 46 12.18 2.97 -2.33
C THR A 46 11.44 4.26 -2.57
N LEU A 47 10.69 4.76 -1.58
CA LEU A 47 9.94 5.97 -1.68
C LEU A 47 10.88 7.17 -1.85
N ASN A 48 11.93 7.18 -1.05
CA ASN A 48 12.87 8.30 -1.07
C ASN A 48 13.72 8.31 -2.32
N ARG A 49 13.88 7.14 -2.95
CA ARG A 49 14.53 7.05 -4.31
C ARG A 49 13.58 7.41 -5.47
N GLY A 50 12.29 7.46 -5.23
CA GLY A 50 11.35 7.76 -6.26
C GLY A 50 10.98 6.61 -7.21
N ILE A 51 11.23 5.39 -6.73
CA ILE A 51 10.99 4.15 -7.45
C ILE A 51 9.88 3.24 -7.10
N SER A 52 9.16 3.63 -6.05
CA SER A 52 7.97 2.88 -5.71
C SER A 52 6.78 3.21 -6.56
N GLU A 53 6.14 2.15 -6.98
CA GLU A 53 4.81 2.23 -7.60
C GLU A 53 3.62 1.99 -6.68
N PHE A 54 3.85 1.31 -5.53
CA PHE A 54 2.74 0.88 -4.69
C PHE A 54 3.34 0.39 -3.36
N ILE A 55 2.75 0.77 -2.21
CA ILE A 55 3.21 0.32 -0.91
C ILE A 55 2.04 -0.46 -0.29
N ILE A 56 2.33 -1.68 0.21
CA ILE A 56 1.34 -2.54 0.78
C ILE A 56 1.77 -2.86 2.27
N MET A 57 0.84 -2.65 3.20
CA MET A 57 1.13 -2.81 4.61
C MET A 57 0.11 -3.77 5.26
N ALA A 58 0.48 -4.32 6.39
CA ALA A 58 -0.36 -5.29 7.12
C ALA A 58 -1.05 -4.65 8.28
N ALA A 59 -2.37 -4.80 8.27
CA ALA A 59 -3.27 -4.24 9.32
C ALA A 59 -3.06 -4.86 10.63
N ASP A 60 -2.49 -6.03 10.72
CA ASP A 60 -2.28 -6.71 12.00
C ASP A 60 -0.86 -6.57 12.54
N CYS A 61 -0.09 -5.63 11.94
CA CYS A 61 1.18 -5.25 12.47
C CYS A 61 0.95 -4.64 13.88
N GLU A 62 1.63 -5.16 14.85
CA GLU A 62 1.58 -4.65 16.25
C GLU A 62 3.00 -4.33 16.67
N PRO A 63 3.31 -3.09 17.17
CA PRO A 63 2.40 -1.95 17.26
C PRO A 63 2.39 -1.28 15.89
N ILE A 64 1.21 -0.94 15.46
CA ILE A 64 1.01 -0.38 14.09
C ILE A 64 1.64 0.97 13.91
N GLU A 65 1.99 1.63 15.01
CA GLU A 65 2.56 2.98 14.98
C GLU A 65 3.84 3.04 14.20
N ILE A 66 4.57 1.95 14.18
CA ILE A 66 5.87 1.93 13.50
C ILE A 66 5.75 2.03 11.94
N LEU A 67 4.55 1.83 11.43
CA LEU A 67 4.27 2.01 10.00
C LEU A 67 3.71 3.38 9.65
N LEU A 68 3.30 4.14 10.63
CA LEU A 68 2.39 5.28 10.34
C LEU A 68 3.06 6.45 9.62
N HIS A 69 4.39 6.52 9.63
CA HIS A 69 5.06 7.49 8.75
C HIS A 69 4.87 7.19 7.23
N LEU A 70 4.54 5.94 6.88
CA LEU A 70 4.51 5.51 5.51
C LEU A 70 3.36 6.15 4.76
N PRO A 71 2.11 6.13 5.24
CA PRO A 71 1.05 6.84 4.52
C PRO A 71 1.45 8.26 4.22
N LEU A 72 2.08 8.94 5.18
CA LEU A 72 2.42 10.37 5.02
C LEU A 72 3.49 10.50 3.91
N LEU A 73 4.46 9.62 3.91
CA LEU A 73 5.48 9.61 2.87
C LEU A 73 4.90 9.35 1.54
N CYS A 74 4.00 8.38 1.48
CA CYS A 74 3.33 8.11 0.21
C CYS A 74 2.53 9.27 -0.31
N GLU A 75 1.86 10.00 0.55
CA GLU A 75 1.15 11.21 0.13
C GLU A 75 2.15 12.23 -0.42
N ASP A 76 3.28 12.39 0.26
CA ASP A 76 4.30 13.36 -0.16
C ASP A 76 4.83 12.98 -1.57
N LYS A 77 4.87 11.71 -1.83
CA LYS A 77 5.51 11.20 -3.08
C LYS A 77 4.48 10.85 -4.15
N ASN A 78 3.18 10.99 -3.86
CA ASN A 78 2.10 10.66 -4.75
C ASN A 78 2.10 9.21 -5.16
N VAL A 79 2.36 8.33 -4.20
CA VAL A 79 2.37 6.90 -4.42
C VAL A 79 1.22 6.24 -3.69
N PRO A 80 0.47 5.39 -4.35
CA PRO A 80 -0.66 4.72 -3.67
C PRO A 80 -0.15 3.70 -2.66
N TYR A 81 -0.98 3.49 -1.64
CA TYR A 81 -0.74 2.54 -0.56
C TYR A 81 -2.04 1.89 -0.16
N VAL A 82 -1.95 0.78 0.55
CA VAL A 82 -3.09 0.13 1.12
C VAL A 82 -2.65 -0.81 2.19
N PHE A 83 -3.58 -1.13 3.11
CA PHE A 83 -3.36 -2.14 4.06
C PHE A 83 -4.15 -3.43 3.65
N VAL A 84 -3.54 -4.54 3.84
CA VAL A 84 -4.25 -5.83 3.72
C VAL A 84 -4.36 -6.38 5.16
N PRO A 85 -5.26 -7.36 5.40
CA PRO A 85 -5.53 -7.63 6.78
C PRO A 85 -4.41 -8.39 7.49
N SER A 86 -3.59 -9.17 6.75
CA SER A 86 -2.74 -10.15 7.38
C SER A 86 -1.31 -10.13 6.94
N ARG A 87 -0.42 -9.95 7.90
CA ARG A 87 1.01 -9.95 7.70
C ARG A 87 1.54 -11.30 7.29
N VAL A 88 0.86 -12.33 7.71
CA VAL A 88 1.23 -13.70 7.30
C VAL A 88 0.97 -13.94 5.81
N ALA A 89 -0.22 -13.53 5.40
CA ALA A 89 -0.57 -13.68 3.96
C ALA A 89 0.30 -12.78 3.07
N LEU A 90 0.63 -11.57 3.60
CA LEU A 90 1.45 -10.67 2.81
C LEU A 90 2.81 -11.29 2.63
N GLY A 91 3.38 -11.87 3.66
CA GLY A 91 4.71 -12.46 3.54
C GLY A 91 4.70 -13.67 2.57
N ARG A 92 3.61 -14.46 2.56
CA ARG A 92 3.45 -15.63 1.61
C ARG A 92 3.53 -15.08 0.11
N ALA A 93 2.82 -13.95 -0.10
CA ALA A 93 2.69 -13.29 -1.44
C ALA A 93 4.06 -12.81 -1.87
N CYS A 94 4.83 -12.29 -0.94
CA CYS A 94 6.18 -11.83 -1.15
C CYS A 94 7.18 -12.92 -1.45
N GLY A 95 6.74 -14.15 -1.23
CA GLY A 95 7.59 -15.34 -1.45
C GLY A 95 8.51 -15.70 -0.30
N VAL A 96 8.24 -15.24 0.92
CA VAL A 96 9.00 -15.66 2.13
C VAL A 96 8.11 -16.40 3.13
N SER A 97 8.71 -17.19 4.04
CA SER A 97 7.90 -17.94 4.99
C SER A 97 7.64 -17.29 6.37
N ARG A 98 7.84 -15.96 6.46
CA ARG A 98 7.74 -15.21 7.69
C ARG A 98 6.76 -14.01 7.49
N PRO A 99 6.23 -13.43 8.56
CA PRO A 99 5.38 -12.25 8.32
C PRO A 99 6.13 -11.13 7.57
N VAL A 100 5.37 -10.37 6.78
CA VAL A 100 5.88 -9.09 6.13
C VAL A 100 4.91 -8.01 6.51
N ILE A 101 5.37 -6.95 7.21
CA ILE A 101 4.49 -5.89 7.59
C ILE A 101 4.32 -4.71 6.58
N ALA A 102 5.23 -4.64 5.62
CA ALA A 102 5.21 -3.63 4.54
C ALA A 102 6.02 -4.12 3.41
N ALA A 103 5.61 -3.81 2.19
CA ALA A 103 6.33 -4.13 1.00
C ALA A 103 6.11 -3.02 -0.03
N SER A 104 7.05 -2.94 -0.98
CA SER A 104 7.04 -1.90 -2.02
C SER A 104 7.26 -2.53 -3.38
N ILE A 105 6.32 -2.30 -4.26
CA ILE A 105 6.50 -2.66 -5.73
C ILE A 105 7.25 -1.56 -6.36
N THR A 106 8.32 -1.91 -7.09
CA THR A 106 9.15 -0.88 -7.75
C THR A 106 8.90 -0.82 -9.26
N THR A 107 9.38 0.24 -9.85
CA THR A 107 9.01 0.50 -11.28
C THR A 107 9.80 -0.43 -12.20
N ASN A 108 9.13 -0.80 -13.29
CA ASN A 108 9.82 -1.43 -14.45
C ASN A 108 8.99 -1.15 -15.66
N ASP A 109 9.62 -0.48 -16.63
CA ASP A 109 8.81 0.03 -17.73
C ASP A 109 8.40 -1.06 -18.69
N ALA A 110 9.03 -2.23 -18.63
CA ALA A 110 8.62 -3.28 -19.53
C ALA A 110 7.68 -4.32 -18.99
N SER A 111 7.14 -4.10 -17.80
CA SER A 111 6.21 -5.05 -17.25
C SER A 111 4.73 -4.52 -17.25
N ALA A 112 3.82 -5.42 -16.94
CA ALA A 112 2.37 -5.16 -16.80
C ALA A 112 1.92 -4.71 -15.39
N ILE A 113 2.88 -4.51 -14.51
CA ILE A 113 2.57 -4.23 -13.11
C ILE A 113 1.96 -2.88 -12.92
N LYS A 114 2.52 -1.87 -13.54
CA LYS A 114 2.00 -0.53 -13.42
C LYS A 114 0.52 -0.47 -13.86
N THR A 115 0.21 -1.09 -15.03
CA THR A 115 -1.16 -1.18 -15.49
C THR A 115 -2.13 -1.88 -14.49
N GLN A 116 -1.68 -2.94 -13.81
CA GLN A 116 -2.50 -3.61 -12.77
C GLN A 116 -2.64 -2.69 -11.57
N ILE A 117 -1.55 -2.06 -11.15
CA ILE A 117 -1.66 -1.11 -10.03
C ILE A 117 -2.66 0.05 -10.31
N TYR A 118 -2.72 0.55 -11.54
CA TYR A 118 -3.68 1.57 -11.91
C TYR A 118 -5.10 1.09 -11.63
N ALA A 119 -5.41 -0.18 -11.92
CA ALA A 119 -6.74 -0.72 -11.64
C ALA A 119 -6.97 -0.87 -10.18
N VAL A 120 -5.94 -1.32 -9.48
CA VAL A 120 -6.06 -1.45 -8.05
C VAL A 120 -6.33 -0.10 -7.39
N LYS A 121 -5.65 0.96 -7.83
CA LYS A 121 -5.91 2.28 -7.28
C LYS A 121 -7.37 2.68 -7.42
N ASP A 122 -7.92 2.48 -8.59
CA ASP A 122 -9.33 2.80 -8.82
C ASP A 122 -10.17 2.08 -7.82
N LYS A 123 -9.91 0.80 -7.56
CA LYS A 123 -10.67 0.05 -6.56
C LYS A 123 -10.53 0.60 -5.16
N ILE A 124 -9.34 1.06 -4.82
CA ILE A 124 -9.12 1.59 -3.48
C ILE A 124 -9.91 2.91 -3.37
N GLU A 125 -9.88 3.70 -4.40
CA GLU A 125 -10.55 4.95 -4.34
C GLU A 125 -12.07 4.72 -4.20
N THR A 126 -12.59 3.64 -4.79
CA THR A 126 -14.01 3.28 -4.61
C THR A 126 -14.32 2.91 -3.15
N LEU A 127 -13.38 2.30 -2.44
CA LEU A 127 -13.50 2.15 -0.98
C LEU A 127 -13.66 3.49 -0.22
N LEU A 128 -13.19 4.59 -0.80
CA LEU A 128 -13.32 5.90 -0.17
C LEU A 128 -14.51 6.67 -0.82
N ASP B 6 -9.40 7.06 20.68
CA ASP B 6 -10.42 6.65 19.66
C ASP B 6 -10.82 7.77 18.68
N GLU B 7 -11.08 8.97 19.21
CA GLU B 7 -11.49 10.10 18.34
C GLU B 7 -10.28 10.48 17.47
N ASP B 8 -9.07 10.32 18.07
CA ASP B 8 -7.74 10.41 17.39
C ASP B 8 -7.75 9.55 16.13
N VAL B 9 -8.13 8.30 16.28
CA VAL B 9 -8.13 7.35 15.12
C VAL B 9 -9.19 7.74 14.08
N LYS B 10 -10.38 8.14 14.48
CA LYS B 10 -11.38 8.61 13.52
C LYS B 10 -10.86 9.80 12.67
N LYS B 11 -10.20 10.73 13.33
CA LYS B 11 -9.62 11.88 12.63
C LYS B 11 -8.51 11.44 11.74
N TRP B 12 -7.69 10.49 12.23
CA TRP B 12 -6.57 9.96 11.36
C TRP B 12 -7.16 9.42 10.07
N ARG B 13 -8.22 8.61 10.16
CA ARG B 13 -8.84 8.04 8.99
C ARG B 13 -9.35 9.13 8.07
N GLU B 14 -10.03 10.09 8.63
CA GLU B 14 -10.55 11.20 7.83
C GLU B 14 -9.47 11.94 7.08
N GLU B 15 -8.34 12.17 7.71
CA GLU B 15 -7.32 12.95 7.07
C GLU B 15 -6.60 12.11 5.98
N ARG B 16 -6.42 10.80 6.23
CA ARG B 16 -5.91 9.92 5.27
C ARG B 16 -6.77 9.84 4.00
N LYS B 17 -8.07 9.81 4.17
CA LYS B 17 -8.98 9.88 3.05
C LYS B 17 -8.83 11.13 2.22
N LYS B 18 -8.73 12.25 2.89
CA LYS B 18 -8.63 13.53 2.17
C LYS B 18 -7.32 13.51 1.42
N MET B 19 -6.26 13.12 2.08
CA MET B 19 -4.97 13.23 1.40
C MET B 19 -4.81 12.19 0.27
N TRP B 20 -5.43 11.01 0.37
CA TRP B 20 -5.37 9.99 -0.72
C TRP B 20 -6.10 10.66 -1.90
N LEU B 21 -7.23 11.35 -1.67
CA LEU B 21 -7.99 11.92 -2.81
C LEU B 21 -7.24 13.04 -3.46
N LEU B 22 -6.56 13.86 -2.69
CA LEU B 22 -5.83 14.98 -3.23
C LEU B 22 -4.47 14.70 -3.79
N LYS B 23 -3.76 13.74 -3.19
CA LYS B 23 -2.37 13.53 -3.53
C LYS B 23 -2.06 12.28 -4.35
N ILE B 24 -2.93 11.27 -4.31
CA ILE B 24 -2.66 9.96 -4.89
C ILE B 24 -3.61 9.47 -6.00
N SER B 25 -4.88 9.80 -5.84
CA SER B 25 -5.97 9.34 -6.70
C SER B 25 -5.67 9.44 -8.22
N ASN B 26 -6.09 8.44 -8.99
CA ASN B 26 -6.09 8.58 -10.46
C ASN B 26 -6.92 9.78 -10.92
N ASN B 27 -8.01 10.07 -10.19
CA ASN B 27 -8.92 11.21 -10.50
C ASN B 27 -8.70 12.40 -9.57
N LYS B 28 -7.46 12.63 -9.16
CA LYS B 28 -7.18 13.65 -8.14
C LYS B 28 -7.53 15.09 -8.55
N GLN B 29 -7.48 15.37 -9.85
CA GLN B 29 -7.80 16.71 -10.38
C GLN B 29 -9.24 17.06 -10.06
N LYS B 30 -10.12 16.12 -10.39
CA LYS B 30 -11.54 16.15 -10.02
C LYS B 30 -11.77 16.26 -8.47
N HIS B 31 -10.92 15.61 -7.67
CA HIS B 31 -11.07 15.70 -6.22
C HIS B 31 -10.51 16.99 -5.70
N MET B 32 -9.40 17.44 -6.28
CA MET B 32 -8.92 18.79 -6.01
C MET B 32 -10.00 19.79 -6.39
S SO4 C . 13.02 -3.54 7.45
O1 SO4 C . 12.99 -3.10 6.00
O2 SO4 C . 12.64 -4.92 7.67
O3 SO4 C . 14.39 -3.38 7.80
O4 SO4 C . 12.13 -2.54 8.15
#